data_2JSE
#
_entry.id   2JSE
#
_entity_poly.entity_id   1
_entity_poly.type   'polyribonucleotide'
_entity_poly.pdbx_seq_one_letter_code
;GGAGUGGCCGAAAGGCAUCUCC
;
_entity_poly.pdbx_strand_id   A
#
loop_
_chem_comp.id
_chem_comp.type
_chem_comp.name
_chem_comp.formula
A RNA linking ADENOSINE-5'-MONOPHOSPHATE 'C10 H14 N5 O7 P'
C RNA linking CYTIDINE-5'-MONOPHOSPHATE 'C9 H14 N3 O8 P'
G RNA linking GUANOSINE-5'-MONOPHOSPHATE 'C10 H14 N5 O8 P'
U RNA linking URIDINE-5'-MONOPHOSPHATE 'C9 H13 N2 O9 P'
#